data_5Q0V
#
_entry.id   5Q0V
#
_cell.length_a   72.046
_cell.length_b   84.832
_cell.length_c   189.567
_cell.angle_alpha   90.000
_cell.angle_beta   90.000
_cell.angle_gamma   90.000
#
_symmetry.space_group_name_H-M   'C 2 2 21'
#
loop_
_entity.id
_entity.type
_entity.pdbx_description
1 polymer 'Bile acid receptor'
2 polymer 'COACTIVATOR PEPTIDE SRC-1 HD3'
3 non-polymer (2S)-2-[2-(4-chlorophenyl)-5,6-difluoro-1H-benzimidazol-1-yl]-2-cyclohexyl-N-(2-fluorophenyl)acetamide
4 water water
#
loop_
_entity_poly.entity_id
_entity_poly.type
_entity_poly.pdbx_seq_one_letter_code
_entity_poly.pdbx_strand_id
1 'polypeptide(L)'
;GSHMELTPDQQTLLHFIMDSYNKQRMPQEITNKILKEAFSAEENFLILTEMATNHVQVLVEFTKKLPGFQTLDHEDQIAL
LKGSAVEAMFLRSAEIFNKKLPSGHSDLLEARIRNSGISDEYITPMFSFYKSIGELKMTQEEYALLTAIVILSPDRQYIK
DREAVEKLQEPLLDVLQKLCKIHQPENPQHFACLLGRLTELRTFNHHHAEMLMSWRVNDHKFTPLLCEIWDVQ
;
A,C
2 'polypeptide(L)' KDHQLLRYLLDKDE B,D
#
loop_
_chem_comp.id
_chem_comp.type
_chem_comp.name
_chem_comp.formula
9LS non-polymer (2S)-2-[2-(4-chlorophenyl)-5,6-difluoro-1H-benzimidazol-1-yl]-2-cyclohexyl-N-(2-fluorophenyl)acetamide 'C27 H23 Cl F3 N3 O'
#
# COMPACT_ATOMS: atom_id res chain seq x y z
N MET A 4 5.01 -40.29 -28.67
CA MET A 4 5.92 -39.48 -27.85
C MET A 4 5.96 -38.03 -28.39
N GLU A 5 6.66 -37.82 -29.51
CA GLU A 5 6.84 -36.56 -30.23
C GLU A 5 5.53 -36.15 -30.92
N LEU A 6 5.41 -34.84 -31.24
CA LEU A 6 4.25 -34.31 -31.95
C LEU A 6 4.27 -34.82 -33.40
N THR A 7 3.11 -35.14 -33.95
CA THR A 7 2.97 -35.59 -35.34
C THR A 7 2.96 -34.31 -36.20
N PRO A 8 3.21 -34.37 -37.54
CA PRO A 8 3.13 -33.15 -38.37
C PRO A 8 1.83 -32.36 -38.22
N ASP A 9 0.67 -33.07 -38.15
CA ASP A 9 -0.65 -32.46 -37.97
C ASP A 9 -0.72 -31.72 -36.63
N GLN A 10 -0.12 -32.30 -35.59
CA GLN A 10 -0.09 -31.70 -34.26
C GLN A 10 0.79 -30.45 -34.24
N GLN A 11 1.92 -30.48 -34.95
CA GLN A 11 2.83 -29.34 -35.08
C GLN A 11 2.11 -28.18 -35.77
N THR A 12 1.36 -28.49 -36.85
CA THR A 12 0.58 -27.54 -37.63
C THR A 12 -0.46 -26.89 -36.72
N LEU A 13 -1.21 -27.72 -35.96
CA LEU A 13 -2.22 -27.25 -35.03
C LEU A 13 -1.61 -26.33 -33.97
N LEU A 14 -0.47 -26.73 -33.39
CA LEU A 14 0.23 -25.93 -32.37
C LEU A 14 0.62 -24.53 -32.88
N HIS A 15 1.29 -24.45 -34.04
CA HIS A 15 1.71 -23.16 -34.60
C HIS A 15 0.50 -22.28 -34.95
N PHE A 16 -0.58 -22.90 -35.44
CA PHE A 16 -1.81 -22.19 -35.77
C PHE A 16 -2.44 -21.58 -34.51
N ILE A 17 -2.52 -22.36 -33.41
CA ILE A 17 -3.04 -21.89 -32.12
C ILE A 17 -2.13 -20.76 -31.60
N MET A 18 -0.79 -20.95 -31.68
CA MET A 18 0.17 -19.93 -31.22
C MET A 18 0.00 -18.61 -31.93
N ASP A 19 -0.13 -18.66 -33.26
CA ASP A 19 -0.30 -17.49 -34.11
C ASP A 19 -1.56 -16.71 -33.72
N SER A 20 -2.68 -17.43 -33.45
CA SER A 20 -3.94 -16.79 -33.04
C SER A 20 -3.82 -16.23 -31.64
N TYR A 21 -3.15 -16.97 -30.74
CA TYR A 21 -2.95 -16.55 -29.35
C TYR A 21 -2.12 -15.28 -29.23
N ASN A 22 -1.07 -15.15 -30.07
CA ASN A 22 -0.16 -14.00 -30.09
C ASN A 22 -0.79 -12.68 -30.56
N LYS A 23 -2.04 -12.72 -31.02
CA LYS A 23 -2.81 -11.53 -31.46
C LYS A 23 -3.32 -10.71 -30.25
N GLN A 24 -3.18 -11.23 -29.02
CA GLN A 24 -3.58 -10.56 -27.79
C GLN A 24 -2.63 -9.37 -27.49
N ARG A 25 -3.09 -8.45 -26.63
CA ARG A 25 -2.33 -7.30 -26.15
C ARG A 25 -1.09 -7.84 -25.44
N MET A 26 0.08 -7.30 -25.76
CA MET A 26 1.37 -7.73 -25.22
C MET A 26 1.49 -7.59 -23.70
N PRO A 27 2.04 -8.61 -22.99
CA PRO A 27 2.18 -8.50 -21.51
C PRO A 27 2.96 -7.26 -21.08
N GLN A 28 4.09 -6.97 -21.76
CA GLN A 28 4.96 -5.81 -21.48
C GLN A 28 4.18 -4.51 -21.50
N GLU A 29 3.26 -4.33 -22.48
CA GLU A 29 2.42 -3.14 -22.63
C GLU A 29 1.64 -2.88 -21.33
N ILE A 30 0.98 -3.93 -20.82
CA ILE A 30 0.15 -3.94 -19.61
C ILE A 30 0.97 -3.63 -18.33
N THR A 31 2.06 -4.38 -18.09
CA THR A 31 2.90 -4.21 -16.89
C THR A 31 3.65 -2.88 -16.90
N ASN A 32 4.00 -2.36 -18.10
CA ASN A 32 4.67 -1.05 -18.23
C ASN A 32 3.78 0.06 -17.68
N LYS A 33 2.47 0.03 -18.00
CA LYS A 33 1.48 1.01 -17.53
C LYS A 33 1.29 0.95 -16.01
N ILE A 34 1.16 -0.27 -15.45
CA ILE A 34 0.98 -0.47 -14.01
C ILE A 34 2.24 -0.03 -13.23
N LEU A 35 3.43 -0.36 -13.75
CA LEU A 35 4.69 -0.01 -13.10
C LEU A 35 5.09 1.46 -13.22
N LYS A 36 4.68 2.13 -14.31
CA LYS A 36 5.04 3.52 -14.59
C LYS A 36 4.67 4.50 -13.48
N GLU A 37 3.42 4.46 -13.02
CA GLU A 37 2.90 5.37 -12.00
C GLU A 37 1.75 4.69 -11.28
N ALA A 38 1.46 5.13 -10.05
CA ALA A 38 0.33 4.59 -9.31
C ALA A 38 -0.94 5.34 -9.72
N PHE A 39 -2.06 4.62 -9.80
CA PHE A 39 -3.32 5.22 -10.18
C PHE A 39 -4.30 5.10 -9.01
N SER A 40 -5.35 5.93 -9.01
CA SER A 40 -6.38 5.88 -7.99
C SER A 40 -7.25 4.63 -8.24
N ALA A 41 -8.08 4.22 -7.25
CA ALA A 41 -8.96 3.06 -7.43
C ALA A 41 -9.93 3.28 -8.59
N GLU A 42 -10.37 4.55 -8.81
CA GLU A 42 -11.27 4.95 -9.91
C GLU A 42 -10.58 4.77 -11.27
N GLU A 43 -9.32 5.21 -11.38
CA GLU A 43 -8.52 5.09 -12.62
C GLU A 43 -8.25 3.62 -12.94
N ASN A 44 -7.89 2.82 -11.91
CA ASN A 44 -7.62 1.38 -12.07
C ASN A 44 -8.87 0.59 -12.48
N PHE A 45 -10.06 1.01 -11.99
CA PHE A 45 -11.33 0.34 -12.36
C PHE A 45 -11.59 0.52 -13.85
N LEU A 46 -11.35 1.74 -14.38
CA LEU A 46 -11.50 2.06 -15.80
C LEU A 46 -10.47 1.33 -16.65
N ILE A 47 -9.22 1.21 -16.16
CA ILE A 47 -8.13 0.47 -16.83
C ILE A 47 -8.61 -0.99 -16.97
N LEU A 48 -9.16 -1.57 -15.90
CA LEU A 48 -9.67 -2.95 -15.90
C LEU A 48 -10.78 -3.17 -16.92
N THR A 49 -11.81 -2.29 -16.93
CA THR A 49 -12.93 -2.45 -17.87
C THR A 49 -12.47 -2.33 -19.32
N GLU A 50 -11.54 -1.39 -19.64
CA GLU A 50 -11.04 -1.28 -21.01
C GLU A 50 -10.19 -2.53 -21.36
N MET A 51 -9.35 -3.00 -20.43
CA MET A 51 -8.53 -4.21 -20.63
C MET A 51 -9.41 -5.44 -20.86
N ALA A 52 -10.46 -5.59 -20.04
CA ALA A 52 -11.38 -6.72 -20.12
C ALA A 52 -12.22 -6.69 -21.37
N THR A 53 -12.63 -5.48 -21.85
CA THR A 53 -13.39 -5.34 -23.10
C THR A 53 -12.54 -5.78 -24.29
N ASN A 54 -11.30 -5.27 -24.37
CA ASN A 54 -10.36 -5.65 -25.44
C ASN A 54 -10.09 -7.17 -25.38
N HIS A 55 -9.91 -7.71 -24.16
CA HIS A 55 -9.63 -9.13 -23.95
C HIS A 55 -10.77 -10.00 -24.51
N VAL A 56 -12.05 -9.68 -24.20
CA VAL A 56 -13.20 -10.45 -24.71
C VAL A 56 -13.24 -10.41 -26.25
N GLN A 57 -13.02 -9.21 -26.83
CA GLN A 57 -13.04 -9.03 -28.29
C GLN A 57 -12.02 -9.94 -28.98
N VAL A 58 -10.80 -9.98 -28.47
CA VAL A 58 -9.71 -10.80 -29.03
C VAL A 58 -9.97 -12.27 -28.74
N LEU A 59 -10.56 -12.57 -27.57
CA LEU A 59 -10.90 -13.94 -27.19
C LEU A 59 -11.92 -14.54 -28.14
N VAL A 60 -12.92 -13.74 -28.58
CA VAL A 60 -13.93 -14.21 -29.55
C VAL A 60 -13.23 -14.55 -30.88
N GLU A 61 -12.27 -13.69 -31.33
CA GLU A 61 -11.53 -13.92 -32.56
C GLU A 61 -10.64 -15.16 -32.46
N PHE A 62 -10.00 -15.39 -31.31
CA PHE A 62 -9.19 -16.59 -31.04
C PHE A 62 -10.09 -17.83 -31.07
N THR A 63 -11.24 -17.76 -30.41
CA THR A 63 -12.22 -18.86 -30.32
C THR A 63 -12.73 -19.28 -31.70
N LYS A 64 -13.11 -18.31 -32.55
CA LYS A 64 -13.59 -18.56 -33.91
C LYS A 64 -12.56 -19.30 -34.79
N LYS A 65 -11.26 -19.18 -34.46
CA LYS A 65 -10.18 -19.85 -35.20
C LYS A 65 -9.90 -21.26 -34.68
N LEU A 66 -10.43 -21.63 -33.50
CA LEU A 66 -10.19 -22.96 -32.97
C LEU A 66 -10.80 -23.99 -33.93
N PRO A 67 -10.02 -24.98 -34.41
CA PRO A 67 -10.56 -25.93 -35.40
C PRO A 67 -11.88 -26.57 -34.98
N GLY A 68 -12.86 -26.48 -35.87
CA GLY A 68 -14.18 -27.07 -35.65
C GLY A 68 -15.15 -26.20 -34.86
N PHE A 69 -14.67 -25.14 -34.18
CA PHE A 69 -15.54 -24.27 -33.40
C PHE A 69 -16.75 -23.72 -34.19
N GLN A 70 -16.51 -23.28 -35.44
CA GLN A 70 -17.56 -22.73 -36.30
C GLN A 70 -18.59 -23.76 -36.77
N THR A 71 -18.28 -25.07 -36.63
CA THR A 71 -19.19 -26.17 -37.01
C THR A 71 -20.16 -26.51 -35.87
N LEU A 72 -19.90 -25.97 -34.66
CA LEU A 72 -20.76 -26.21 -33.51
C LEU A 72 -22.07 -25.45 -33.62
N ASP A 73 -23.08 -25.94 -32.88
CA ASP A 73 -24.40 -25.31 -32.74
C ASP A 73 -24.19 -23.89 -32.24
N HIS A 74 -24.90 -22.90 -32.84
CA HIS A 74 -24.79 -21.48 -32.51
C HIS A 74 -25.07 -21.16 -31.06
N GLU A 75 -26.04 -21.84 -30.45
CA GLU A 75 -26.33 -21.60 -29.03
C GLU A 75 -25.22 -22.18 -28.16
N ASP A 76 -24.61 -23.31 -28.59
CA ASP A 76 -23.49 -23.92 -27.86
C ASP A 76 -22.25 -23.03 -27.95
N GLN A 77 -22.03 -22.38 -29.12
CA GLN A 77 -20.92 -21.45 -29.33
C GLN A 77 -20.98 -20.31 -28.31
N ILE A 78 -22.18 -19.72 -28.12
CA ILE A 78 -22.41 -18.64 -27.15
C ILE A 78 -22.13 -19.15 -25.75
N ALA A 79 -22.68 -20.32 -25.39
CA ALA A 79 -22.49 -20.92 -24.06
C ALA A 79 -21.01 -21.17 -23.74
N LEU A 80 -20.22 -21.63 -24.72
CA LEU A 80 -18.78 -21.86 -24.51
C LEU A 80 -18.05 -20.53 -24.29
N LEU A 81 -18.36 -19.51 -25.11
CA LEU A 81 -17.70 -18.21 -24.93
C LEU A 81 -18.07 -17.59 -23.59
N LYS A 82 -19.36 -17.56 -23.28
CA LYS A 82 -19.85 -17.00 -22.03
C LYS A 82 -19.31 -17.79 -20.82
N GLY A 83 -19.20 -19.12 -20.95
CA GLY A 83 -18.70 -19.97 -19.88
C GLY A 83 -17.21 -19.87 -19.62
N SER A 84 -16.44 -19.37 -20.60
CA SER A 84 -14.97 -19.31 -20.48
C SER A 84 -14.33 -17.94 -20.35
N ALA A 85 -15.04 -16.85 -20.71
CA ALA A 85 -14.44 -15.51 -20.76
C ALA A 85 -13.74 -15.05 -19.49
N VAL A 86 -14.37 -15.21 -18.32
CA VAL A 86 -13.82 -14.81 -17.03
C VAL A 86 -12.56 -15.64 -16.70
N GLU A 87 -12.64 -16.97 -16.87
CA GLU A 87 -11.49 -17.88 -16.64
C GLU A 87 -10.31 -17.52 -17.54
N ALA A 88 -10.58 -17.29 -18.84
CA ALA A 88 -9.55 -16.90 -19.81
C ALA A 88 -8.87 -15.60 -19.37
N MET A 89 -9.65 -14.61 -18.85
CA MET A 89 -9.07 -13.34 -18.37
C MET A 89 -8.11 -13.57 -17.19
N PHE A 90 -8.52 -14.40 -16.23
CA PHE A 90 -7.67 -14.72 -15.08
C PHE A 90 -6.46 -15.54 -15.50
N LEU A 91 -6.62 -16.43 -16.48
CA LEU A 91 -5.49 -17.23 -16.98
C LEU A 91 -4.49 -16.32 -17.68
N ARG A 92 -4.98 -15.36 -18.48
CA ARG A 92 -4.11 -14.41 -19.16
C ARG A 92 -3.41 -13.47 -18.14
N SER A 93 -4.15 -13.04 -17.10
CA SER A 93 -3.59 -12.22 -16.01
C SER A 93 -2.48 -12.98 -15.27
N ALA A 94 -2.68 -14.31 -15.04
CA ALA A 94 -1.69 -15.19 -14.40
C ALA A 94 -0.44 -15.30 -15.26
N GLU A 95 -0.60 -15.45 -16.60
CA GLU A 95 0.51 -15.51 -17.54
C GLU A 95 1.32 -14.24 -17.44
N ILE A 96 0.63 -13.08 -17.50
CA ILE A 96 1.28 -11.76 -17.45
C ILE A 96 2.01 -11.61 -16.11
N PHE A 97 1.37 -11.96 -14.99
CA PHE A 97 1.98 -11.83 -13.66
C PHE A 97 3.27 -12.66 -13.53
N ASN A 98 3.31 -13.81 -14.19
CA ASN A 98 4.44 -14.72 -14.06
C ASN A 98 5.58 -14.48 -15.05
N LYS A 99 5.45 -13.49 -15.96
CA LYS A 99 6.52 -13.14 -16.90
C LYS A 99 7.69 -12.54 -16.12
N LYS A 100 8.94 -13.00 -16.37
CA LYS A 100 10.12 -12.49 -15.67
C LYS A 100 10.37 -11.03 -16.02
N LEU A 101 10.58 -10.20 -14.99
CA LEU A 101 10.83 -8.77 -15.12
C LEU A 101 12.14 -8.41 -14.41
N PRO A 102 12.73 -7.21 -14.64
CA PRO A 102 13.95 -6.84 -13.89
C PRO A 102 13.73 -6.89 -12.37
N SER A 103 14.82 -7.11 -11.60
CA SER A 103 14.81 -7.22 -10.13
C SER A 103 13.92 -6.15 -9.46
N GLY A 104 13.00 -6.60 -8.60
CA GLY A 104 12.09 -5.74 -7.86
C GLY A 104 10.78 -5.36 -8.55
N HIS A 105 10.71 -5.48 -9.89
CA HIS A 105 9.53 -5.10 -10.68
C HIS A 105 8.28 -5.94 -10.40
N SER A 106 8.42 -7.27 -10.24
CA SER A 106 7.26 -8.14 -9.94
C SER A 106 6.68 -7.84 -8.56
N ASP A 107 7.54 -7.46 -7.59
CA ASP A 107 7.12 -7.05 -6.25
C ASP A 107 6.32 -5.75 -6.33
N LEU A 108 6.79 -4.77 -7.14
CA LEU A 108 6.07 -3.50 -7.30
C LEU A 108 4.74 -3.74 -8.03
N LEU A 109 4.75 -4.61 -9.05
CA LEU A 109 3.56 -4.98 -9.82
C LEU A 109 2.51 -5.60 -8.89
N GLU A 110 2.93 -6.55 -8.03
CA GLU A 110 2.05 -7.20 -7.05
C GLU A 110 1.46 -6.17 -6.08
N ALA A 111 2.31 -5.31 -5.51
CA ALA A 111 1.90 -4.28 -4.56
C ALA A 111 0.90 -3.31 -5.20
N ARG A 112 1.15 -2.89 -6.46
CA ARG A 112 0.27 -1.99 -7.21
C ARG A 112 -1.11 -2.64 -7.44
N ILE A 113 -1.14 -3.91 -7.87
CA ILE A 113 -2.41 -4.65 -8.08
C ILE A 113 -3.16 -4.83 -6.74
N ARG A 114 -2.42 -5.15 -5.67
CA ARG A 114 -2.93 -5.34 -4.31
C ARG A 114 -3.64 -4.06 -3.79
N ASN A 115 -3.21 -2.88 -4.27
CA ASN A 115 -3.78 -1.57 -3.88
C ASN A 115 -4.57 -0.89 -5.01
N SER A 116 -5.05 -1.69 -5.98
CA SER A 116 -5.79 -1.18 -7.15
C SER A 116 -7.25 -0.79 -6.88
N GLY A 117 -7.82 -1.25 -5.77
CA GLY A 117 -9.21 -0.97 -5.40
C GLY A 117 -10.01 -2.23 -5.10
N ILE A 118 -9.50 -3.38 -5.52
CA ILE A 118 -10.08 -4.70 -5.26
C ILE A 118 -10.01 -5.00 -3.73
N SER A 119 -11.04 -5.68 -3.19
CA SER A 119 -11.13 -6.05 -1.77
C SER A 119 -10.10 -7.12 -1.41
N ASP A 120 -9.56 -7.08 -0.17
CA ASP A 120 -8.56 -8.03 0.33
C ASP A 120 -9.02 -9.49 0.23
N GLU A 121 -10.31 -9.74 0.50
CA GLU A 121 -10.89 -11.10 0.45
C GLU A 121 -10.79 -11.77 -0.94
N TYR A 122 -10.60 -10.97 -2.00
CA TYR A 122 -10.47 -11.47 -3.38
C TYR A 122 -9.03 -11.48 -3.83
N ILE A 123 -8.19 -10.68 -3.12
CA ILE A 123 -6.75 -10.51 -3.32
C ILE A 123 -6.03 -11.82 -3.03
N THR A 124 -6.28 -12.41 -1.85
CA THR A 124 -5.64 -13.66 -1.43
C THR A 124 -5.93 -14.81 -2.43
N PRO A 125 -7.18 -15.20 -2.77
CA PRO A 125 -7.38 -16.28 -3.76
C PRO A 125 -6.79 -15.98 -5.14
N MET A 126 -6.79 -14.70 -5.55
CA MET A 126 -6.24 -14.27 -6.83
C MET A 126 -4.71 -14.48 -6.93
N PHE A 127 -3.92 -13.90 -6.00
CA PHE A 127 -2.45 -14.05 -5.98
C PHE A 127 -2.02 -15.49 -5.66
N SER A 128 -2.84 -16.25 -4.90
CA SER A 128 -2.60 -17.67 -4.60
C SER A 128 -2.67 -18.47 -5.92
N PHE A 129 -3.68 -18.16 -6.78
CA PHE A 129 -3.82 -18.79 -8.09
C PHE A 129 -2.65 -18.40 -9.00
N TYR A 130 -2.30 -17.10 -9.05
CA TYR A 130 -1.16 -16.62 -9.88
C TYR A 130 0.15 -17.30 -9.50
N LYS A 131 0.42 -17.43 -8.20
CA LYS A 131 1.66 -18.06 -7.75
C LYS A 131 1.64 -19.58 -7.98
N SER A 132 0.45 -20.24 -7.89
CA SER A 132 0.24 -21.68 -8.20
C SER A 132 0.54 -21.93 -9.67
N ILE A 133 0.08 -21.01 -10.55
CA ILE A 133 0.33 -21.02 -12.00
C ILE A 133 1.82 -20.81 -12.28
N GLY A 134 2.43 -19.88 -11.55
CA GLY A 134 3.85 -19.57 -11.66
C GLY A 134 4.79 -20.74 -11.36
N GLU A 135 4.39 -21.61 -10.42
CA GLU A 135 5.17 -22.77 -10.01
C GLU A 135 5.20 -23.86 -11.09
N LEU A 136 4.23 -23.84 -12.00
CA LEU A 136 4.15 -24.79 -13.11
C LEU A 136 5.17 -24.49 -14.21
N LYS A 137 5.78 -23.28 -14.19
CA LYS A 137 6.78 -22.79 -15.16
C LYS A 137 6.36 -23.08 -16.63
N MET A 138 5.10 -22.77 -16.92
CA MET A 138 4.49 -23.00 -18.23
C MET A 138 5.14 -22.21 -19.33
N THR A 139 5.18 -22.80 -20.54
CA THR A 139 5.71 -22.17 -21.74
C THR A 139 4.53 -21.43 -22.41
N GLN A 140 4.84 -20.51 -23.36
CA GLN A 140 3.78 -19.77 -24.11
C GLN A 140 2.82 -20.73 -24.83
N GLU A 141 3.34 -21.88 -25.31
CA GLU A 141 2.56 -22.91 -25.99
C GLU A 141 1.59 -23.58 -25.03
N GLU A 142 2.03 -23.80 -23.78
CA GLU A 142 1.19 -24.41 -22.75
C GLU A 142 0.05 -23.46 -22.35
N TYR A 143 0.33 -22.15 -22.24
CA TYR A 143 -0.72 -21.15 -21.92
C TYR A 143 -1.76 -21.10 -23.03
N ALA A 144 -1.29 -21.08 -24.29
CA ALA A 144 -2.18 -21.02 -25.46
C ALA A 144 -3.09 -22.24 -25.56
N LEU A 145 -2.51 -23.45 -25.43
CA LEU A 145 -3.30 -24.70 -25.47
C LEU A 145 -4.25 -24.79 -24.27
N LEU A 146 -3.78 -24.41 -23.08
CA LEU A 146 -4.64 -24.44 -21.89
C LEU A 146 -5.83 -23.48 -22.05
N THR A 147 -5.61 -22.30 -22.69
CA THR A 147 -6.69 -21.33 -22.97
C THR A 147 -7.69 -21.95 -23.94
N ALA A 148 -7.19 -22.62 -25.00
CA ALA A 148 -8.08 -23.32 -25.95
C ALA A 148 -8.88 -24.43 -25.26
N ILE A 149 -8.24 -25.18 -24.34
CA ILE A 149 -8.89 -26.25 -23.57
C ILE A 149 -9.98 -25.68 -22.64
N VAL A 150 -9.72 -24.53 -22.01
CA VAL A 150 -10.67 -23.82 -21.13
C VAL A 150 -11.93 -23.47 -21.94
N ILE A 151 -11.72 -22.90 -23.13
CA ILE A 151 -12.81 -22.47 -24.02
C ILE A 151 -13.64 -23.67 -24.48
N LEU A 152 -12.96 -24.74 -24.90
CA LEU A 152 -13.66 -25.93 -25.41
C LEU A 152 -13.99 -26.94 -24.30
N SER A 153 -14.53 -26.45 -23.17
CA SER A 153 -14.91 -27.30 -22.03
C SER A 153 -16.29 -27.89 -22.29
N PRO A 154 -16.39 -29.23 -22.44
CA PRO A 154 -17.71 -29.84 -22.70
C PRO A 154 -18.68 -29.78 -21.53
N ASP A 155 -18.16 -29.57 -20.31
CA ASP A 155 -18.92 -29.53 -19.05
C ASP A 155 -19.62 -28.21 -18.74
N ARG A 156 -19.61 -27.21 -19.65
CA ARG A 156 -20.26 -25.92 -19.40
C ARG A 156 -21.77 -26.05 -19.29
N GLN A 157 -22.39 -25.14 -18.50
CA GLN A 157 -23.83 -25.06 -18.33
C GLN A 157 -24.47 -24.64 -19.66
N TYR A 158 -25.60 -25.27 -19.98
CA TYR A 158 -26.46 -25.05 -21.15
C TYR A 158 -25.92 -25.70 -22.45
N ILE A 159 -24.76 -26.41 -22.40
CA ILE A 159 -24.23 -27.08 -23.59
C ILE A 159 -25.16 -28.23 -23.96
N LYS A 160 -25.75 -28.13 -25.16
CA LYS A 160 -26.71 -29.11 -25.67
C LYS A 160 -26.02 -30.36 -26.18
N ASP A 161 -24.93 -30.20 -26.96
CA ASP A 161 -24.19 -31.31 -27.53
C ASP A 161 -22.77 -31.34 -26.96
N ARG A 162 -22.61 -32.06 -25.83
CA ARG A 162 -21.33 -32.19 -25.13
CA ARG A 162 -21.32 -32.19 -25.14
C ARG A 162 -20.31 -32.98 -25.94
N GLU A 163 -20.76 -34.05 -26.62
CA GLU A 163 -19.89 -34.91 -27.43
C GLU A 163 -19.18 -34.15 -28.55
N ALA A 164 -19.89 -33.21 -29.22
CA ALA A 164 -19.30 -32.40 -30.28
C ALA A 164 -18.16 -31.53 -29.72
N VAL A 165 -18.34 -31.01 -28.50
CA VAL A 165 -17.33 -30.19 -27.84
C VAL A 165 -16.13 -31.07 -27.42
N GLU A 166 -16.41 -32.26 -26.84
CA GLU A 166 -15.41 -33.25 -26.44
C GLU A 166 -14.46 -33.55 -27.60
N LYS A 167 -15.01 -33.83 -28.79
CA LYS A 167 -14.27 -34.14 -30.01
C LYS A 167 -13.29 -33.05 -30.41
N LEU A 168 -13.61 -31.77 -30.09
CA LEU A 168 -12.73 -30.64 -30.41
C LEU A 168 -11.67 -30.40 -29.33
N GLN A 169 -12.01 -30.68 -28.07
CA GLN A 169 -11.10 -30.50 -26.93
C GLN A 169 -10.04 -31.60 -26.86
N GLU A 170 -10.44 -32.87 -27.12
CA GLU A 170 -9.57 -34.06 -27.05
C GLU A 170 -8.25 -33.91 -27.83
N PRO A 171 -8.20 -33.46 -29.12
CA PRO A 171 -6.90 -33.30 -29.78
C PRO A 171 -6.01 -32.23 -29.14
N LEU A 172 -6.59 -31.20 -28.49
CA LEU A 172 -5.80 -30.17 -27.83
C LEU A 172 -5.19 -30.71 -26.54
N LEU A 173 -5.94 -31.57 -25.82
CA LEU A 173 -5.45 -32.22 -24.60
C LEU A 173 -4.30 -33.16 -24.95
N ASP A 174 -4.39 -33.87 -26.09
CA ASP A 174 -3.34 -34.79 -26.55
C ASP A 174 -2.06 -34.02 -26.83
N VAL A 175 -2.15 -32.88 -27.52
CA VAL A 175 -1.01 -32.02 -27.85
C VAL A 175 -0.38 -31.47 -26.56
N LEU A 176 -1.22 -30.96 -25.65
CA LEU A 176 -0.74 -30.43 -24.38
C LEU A 176 -0.02 -31.50 -23.56
N GLN A 177 -0.57 -32.73 -23.52
CA GLN A 177 0.04 -33.86 -22.79
C GLN A 177 1.45 -34.17 -23.35
N LYS A 178 1.61 -34.18 -24.69
CA LYS A 178 2.92 -34.41 -25.32
C LYS A 178 3.89 -33.30 -24.94
N LEU A 179 3.46 -32.02 -25.00
CA LEU A 179 4.28 -30.86 -24.62
C LEU A 179 4.73 -30.93 -23.18
N CYS A 180 3.85 -31.39 -22.27
CA CYS A 180 4.16 -31.56 -20.86
C CYS A 180 5.27 -32.57 -20.67
N LYS A 181 5.22 -33.69 -21.44
CA LYS A 181 6.21 -34.78 -21.39
C LYS A 181 7.57 -34.35 -21.97
N ILE A 182 7.54 -33.41 -22.94
CA ILE A 182 8.73 -32.86 -23.60
C ILE A 182 9.38 -31.76 -22.74
N HIS A 183 8.62 -30.73 -22.33
CA HIS A 183 9.12 -29.61 -21.53
C HIS A 183 9.54 -29.98 -20.10
N GLN A 184 8.91 -31.01 -19.51
CA GLN A 184 9.22 -31.49 -18.16
C GLN A 184 9.25 -33.02 -18.08
N PRO A 185 10.29 -33.69 -18.63
CA PRO A 185 10.32 -35.17 -18.54
C PRO A 185 10.58 -35.68 -17.12
N GLU A 186 11.27 -34.89 -16.28
CA GLU A 186 11.57 -35.23 -14.89
C GLU A 186 10.32 -35.17 -13.99
N ASN A 187 9.27 -34.43 -14.43
CA ASN A 187 8.02 -34.26 -13.68
C ASN A 187 6.83 -34.91 -14.43
N PRO A 188 6.55 -36.20 -14.18
CA PRO A 188 5.42 -36.86 -14.87
C PRO A 188 4.03 -36.46 -14.35
N GLN A 189 3.99 -35.58 -13.33
CA GLN A 189 2.77 -35.07 -12.70
C GLN A 189 2.37 -33.77 -13.35
N HIS A 190 3.24 -33.18 -14.21
CA HIS A 190 3.05 -31.87 -14.82
C HIS A 190 1.73 -31.71 -15.55
N PHE A 191 1.33 -32.70 -16.38
CA PHE A 191 0.06 -32.61 -17.11
C PHE A 191 -1.14 -32.58 -16.16
N ALA A 192 -1.18 -33.52 -15.19
CA ALA A 192 -2.26 -33.59 -14.20
C ALA A 192 -2.37 -32.30 -13.39
N CYS A 193 -1.21 -31.67 -13.04
CA CYS A 193 -1.08 -30.40 -12.30
CA CYS A 193 -1.21 -30.43 -12.26
C CYS A 193 -1.74 -29.27 -13.08
N LEU A 194 -1.43 -29.22 -14.39
CA LEU A 194 -1.94 -28.21 -15.31
C LEU A 194 -3.46 -28.29 -15.38
N LEU A 195 -3.99 -29.52 -15.51
CA LEU A 195 -5.44 -29.80 -15.54
C LEU A 195 -6.15 -29.47 -14.21
N GLY A 196 -5.47 -29.75 -13.10
CA GLY A 196 -5.99 -29.51 -11.75
C GLY A 196 -6.16 -28.03 -11.43
N ARG A 197 -5.25 -27.21 -11.96
CA ARG A 197 -5.32 -25.74 -11.82
C ARG A 197 -6.52 -25.15 -12.58
N LEU A 198 -7.10 -25.92 -13.53
CA LEU A 198 -8.29 -25.52 -14.25
C LEU A 198 -9.53 -25.58 -13.35
N THR A 199 -9.51 -26.46 -12.31
CA THR A 199 -10.59 -26.56 -11.33
C THR A 199 -10.54 -25.31 -10.47
N GLU A 200 -9.33 -24.93 -10.01
CA GLU A 200 -9.10 -23.72 -9.23
C GLU A 200 -9.53 -22.47 -10.03
N LEU A 201 -9.29 -22.48 -11.36
CA LEU A 201 -9.66 -21.38 -12.25
C LEU A 201 -11.19 -21.16 -12.22
N ARG A 202 -11.99 -22.24 -12.25
CA ARG A 202 -13.45 -22.19 -12.23
C ARG A 202 -14.06 -21.45 -11.01
N THR A 203 -13.33 -21.38 -9.89
CA THR A 203 -13.79 -20.69 -8.66
C THR A 203 -13.95 -19.18 -8.85
N PHE A 204 -13.25 -18.58 -9.81
CA PHE A 204 -13.34 -17.15 -10.09
C PHE A 204 -14.69 -16.75 -10.72
N ASN A 205 -15.49 -17.72 -11.24
CA ASN A 205 -16.80 -17.47 -11.84
C ASN A 205 -17.88 -17.14 -10.84
N HIS A 206 -17.88 -17.89 -9.72
CA HIS A 206 -18.87 -17.77 -8.67
C HIS A 206 -18.83 -16.36 -8.06
N HIS A 207 -17.61 -15.84 -7.82
CA HIS A 207 -17.43 -14.54 -7.15
C HIS A 207 -16.97 -13.39 -8.04
N HIS A 208 -16.92 -13.55 -9.40
CA HIS A 208 -16.44 -12.46 -10.27
CA HIS A 208 -16.47 -12.47 -10.26
C HIS A 208 -17.32 -11.20 -10.15
N ALA A 209 -18.66 -11.35 -10.12
CA ALA A 209 -19.59 -10.22 -9.99
C ALA A 209 -19.37 -9.44 -8.69
N GLU A 210 -19.17 -10.14 -7.58
CA GLU A 210 -18.92 -9.53 -6.26
C GLU A 210 -17.56 -8.86 -6.23
N MET A 211 -16.54 -9.49 -6.86
CA MET A 211 -15.16 -9.01 -6.97
C MET A 211 -15.15 -7.62 -7.60
N LEU A 212 -15.94 -7.43 -8.67
CA LEU A 212 -16.05 -6.17 -9.39
C LEU A 212 -16.93 -5.15 -8.68
N MET A 213 -18.08 -5.59 -8.15
CA MET A 213 -19.00 -4.67 -7.45
C MET A 213 -18.44 -4.18 -6.13
N SER A 214 -17.50 -4.93 -5.51
CA SER A 214 -16.88 -4.49 -4.26
C SER A 214 -15.59 -3.69 -4.48
N TRP A 215 -15.28 -3.31 -5.74
CA TRP A 215 -14.13 -2.46 -6.05
C TRP A 215 -14.37 -1.12 -5.34
N ARG A 216 -13.33 -0.56 -4.68
CA ARG A 216 -13.43 0.67 -3.90
C ARG A 216 -13.62 1.95 -4.74
N VAL A 217 -14.77 2.03 -5.42
CA VAL A 217 -15.20 3.15 -6.28
C VAL A 217 -16.69 3.43 -5.99
N ASN A 218 -17.14 4.66 -6.23
CA ASN A 218 -18.53 5.07 -5.98
C ASN A 218 -19.48 4.56 -7.06
N ASP A 219 -19.02 4.53 -8.31
CA ASP A 219 -19.79 4.09 -9.47
C ASP A 219 -19.05 2.98 -10.20
N HIS A 220 -19.75 1.88 -10.47
CA HIS A 220 -19.19 0.73 -11.17
C HIS A 220 -19.80 0.70 -12.57
N LYS A 221 -19.20 1.47 -13.49
CA LYS A 221 -19.65 1.56 -14.87
C LYS A 221 -18.97 0.48 -15.71
N PHE A 222 -19.77 -0.30 -16.45
CA PHE A 222 -19.31 -1.37 -17.33
C PHE A 222 -19.79 -1.09 -18.77
N THR A 223 -19.09 -1.65 -19.76
CA THR A 223 -19.47 -1.48 -21.17
C THR A 223 -20.60 -2.46 -21.51
N PRO A 224 -21.46 -2.19 -22.53
CA PRO A 224 -22.51 -3.18 -22.87
C PRO A 224 -21.98 -4.60 -23.14
N LEU A 225 -20.80 -4.75 -23.77
CA LEU A 225 -20.21 -6.07 -24.01
C LEU A 225 -19.85 -6.77 -22.69
N LEU A 226 -19.23 -6.03 -21.74
CA LEU A 226 -18.87 -6.63 -20.45
C LEU A 226 -20.10 -7.05 -19.67
N CYS A 227 -21.21 -6.31 -19.80
CA CYS A 227 -22.49 -6.63 -19.18
C CYS A 227 -23.04 -7.97 -19.66
N GLU A 228 -22.77 -8.33 -20.91
CA GLU A 228 -23.20 -9.60 -21.48
C GLU A 228 -22.38 -10.76 -20.93
N ILE A 229 -21.07 -10.54 -20.77
CA ILE A 229 -20.15 -11.59 -20.37
C ILE A 229 -20.00 -11.75 -18.84
N TRP A 230 -20.11 -10.65 -18.11
CA TRP A 230 -20.00 -10.64 -16.66
C TRP A 230 -21.40 -10.49 -16.10
N ASP A 231 -21.65 -11.03 -14.92
CA ASP A 231 -23.00 -10.94 -14.38
C ASP A 231 -23.16 -9.62 -13.62
N VAL A 232 -23.16 -8.49 -14.38
CA VAL A 232 -23.22 -7.11 -13.86
C VAL A 232 -24.24 -6.23 -14.60
N GLN A 233 -24.73 -5.16 -13.91
CA GLN A 233 -25.75 -4.20 -14.36
C GLN A 233 -27.05 -4.84 -14.78
N LYS B 1 -32.03 -8.67 -27.05
CA LYS B 1 -31.97 -10.11 -26.75
C LYS B 1 -30.75 -10.41 -25.87
N ASP B 2 -30.78 -11.52 -25.11
CA ASP B 2 -29.67 -11.95 -24.26
C ASP B 2 -28.46 -12.29 -25.13
N HIS B 3 -27.28 -11.76 -24.76
CA HIS B 3 -26.00 -11.96 -25.44
C HIS B 3 -26.02 -11.50 -26.92
N GLN B 4 -26.68 -10.37 -27.18
CA GLN B 4 -26.83 -9.81 -28.52
C GLN B 4 -25.48 -9.41 -29.16
N LEU B 5 -24.57 -8.79 -28.41
CA LEU B 5 -23.27 -8.37 -28.92
C LEU B 5 -22.34 -9.56 -29.15
N LEU B 6 -22.38 -10.56 -28.27
CA LEU B 6 -21.58 -11.77 -28.41
C LEU B 6 -22.02 -12.52 -29.68
N ARG B 7 -23.35 -12.68 -29.87
CA ARG B 7 -23.95 -13.34 -31.03
C ARG B 7 -23.52 -12.59 -32.29
N TYR B 8 -23.47 -11.25 -32.22
CA TYR B 8 -23.02 -10.45 -33.36
C TYR B 8 -21.54 -10.71 -33.70
N LEU B 9 -20.65 -10.62 -32.69
CA LEU B 9 -19.22 -10.87 -32.87
C LEU B 9 -18.93 -12.29 -33.37
N LEU B 10 -19.74 -13.26 -32.95
CA LEU B 10 -19.60 -14.65 -33.37
C LEU B 10 -20.05 -14.88 -34.82
N ASP B 11 -21.14 -14.20 -35.24
CA ASP B 11 -21.75 -14.39 -36.56
C ASP B 11 -21.21 -13.48 -37.68
N LYS B 12 -20.48 -12.41 -37.34
CA LYS B 12 -19.91 -11.51 -38.35
C LYS B 12 -18.71 -12.15 -39.11
N ASP B 13 -18.20 -11.47 -40.17
CA ASP B 13 -17.04 -11.88 -40.96
C ASP B 13 -17.14 -13.32 -41.50
N MET C 4 -5.41 -1.00 4.66
CA MET C 4 -6.73 -0.89 5.26
C MET C 4 -7.17 0.57 5.41
N GLU C 5 -8.40 0.89 4.95
CA GLU C 5 -8.94 2.24 5.03
C GLU C 5 -9.37 2.60 6.46
N LEU C 6 -9.34 3.90 6.78
CA LEU C 6 -9.77 4.39 8.10
C LEU C 6 -11.29 4.22 8.20
N THR C 7 -11.78 3.86 9.39
CA THR C 7 -13.22 3.74 9.63
C THR C 7 -13.73 5.17 9.91
N PRO C 8 -15.05 5.45 9.82
CA PRO C 8 -15.54 6.81 10.14
C PRO C 8 -15.10 7.33 11.52
N ASP C 9 -15.11 6.45 12.56
CA ASP C 9 -14.68 6.78 13.92
C ASP C 9 -13.19 7.14 13.94
N GLN C 10 -12.37 6.44 13.14
CA GLN C 10 -10.94 6.72 13.03
C GLN C 10 -10.69 8.06 12.35
N GLN C 11 -11.49 8.39 11.32
CA GLN C 11 -11.42 9.66 10.61
C GLN C 11 -11.74 10.81 11.58
N THR C 12 -12.80 10.63 12.42
CA THR C 12 -13.22 11.58 13.44
C THR C 12 -12.10 11.81 14.44
N LEU C 13 -11.48 10.72 14.94
CA LEU C 13 -10.36 10.77 15.87
C LEU C 13 -9.18 11.53 15.23
N LEU C 14 -8.84 11.21 13.97
CA LEU C 14 -7.75 11.87 13.23
C LEU C 14 -7.95 13.39 13.13
N HIS C 15 -9.13 13.86 12.67
CA HIS C 15 -9.39 15.30 12.55
C HIS C 15 -9.35 15.99 13.92
N PHE C 16 -9.82 15.32 14.98
CA PHE C 16 -9.78 15.85 16.34
C PHE C 16 -8.32 16.03 16.80
N ILE C 17 -7.46 15.01 16.58
CA ILE C 17 -6.02 15.06 16.91
C ILE C 17 -5.37 16.19 16.09
N MET C 18 -5.69 16.27 14.78
CA MET C 18 -5.12 17.29 13.90
C MET C 18 -5.45 18.70 14.35
N ASP C 19 -6.71 18.94 14.72
CA ASP C 19 -7.18 20.22 15.21
C ASP C 19 -6.41 20.65 16.46
N SER C 20 -6.17 19.72 17.41
CA SER C 20 -5.43 19.99 18.64
C SER C 20 -3.96 20.23 18.31
N TYR C 21 -3.38 19.43 17.40
CA TYR C 21 -1.98 19.54 16.97
C TYR C 21 -1.67 20.87 16.30
N ASN C 22 -2.60 21.37 15.47
CA ASN C 22 -2.47 22.62 14.71
C ASN C 22 -2.49 23.90 15.57
N LYS C 23 -2.78 23.78 16.88
CA LYS C 23 -2.77 24.88 17.83
C LYS C 23 -1.33 25.32 18.20
N GLN C 24 -0.33 24.53 17.78
CA GLN C 24 1.09 24.85 18.02
C GLN C 24 1.53 26.08 17.22
N ARG C 25 2.64 26.70 17.64
CA ARG C 25 3.26 27.84 16.97
C ARG C 25 3.63 27.39 15.55
N MET C 26 3.26 28.20 14.56
CA MET C 26 3.47 27.90 13.14
C MET C 26 4.95 27.72 12.78
N PRO C 27 5.30 26.68 11.97
CA PRO C 27 6.71 26.50 11.56
C PRO C 27 7.32 27.74 10.88
N GLN C 28 6.56 28.36 9.95
CA GLN C 28 6.98 29.57 9.22
C GLN C 28 7.40 30.69 10.17
N GLU C 29 6.64 30.91 11.27
CA GLU C 29 6.92 31.93 12.29
C GLU C 29 8.34 31.75 12.83
N ILE C 30 8.68 30.53 13.23
CA ILE C 30 9.96 30.12 13.80
C ILE C 30 11.14 30.28 12.82
N THR C 31 11.01 29.70 11.60
CA THR C 31 12.06 29.78 10.59
C THR C 31 12.26 31.20 10.05
N ASN C 32 11.19 32.01 10.00
CA ASN C 32 11.27 33.42 9.57
C ASN C 32 12.20 34.21 10.49
N LYS C 33 12.09 34.00 11.82
CA LYS C 33 12.92 34.67 12.82
C LYS C 33 14.39 34.27 12.71
N ILE C 34 14.66 32.95 12.52
CA ILE C 34 16.03 32.43 12.39
C ILE C 34 16.68 32.92 11.09
N LEU C 35 15.91 32.95 9.98
CA LEU C 35 16.42 33.39 8.68
C LEU C 35 16.60 34.90 8.55
N LYS C 36 15.77 35.70 9.25
CA LYS C 36 15.78 37.16 9.19
C LYS C 36 17.13 37.80 9.48
N GLU C 37 17.76 37.42 10.60
CA GLU C 37 19.04 37.95 11.04
C GLU C 37 19.74 36.94 11.91
N ALA C 38 21.06 37.03 12.02
CA ALA C 38 21.83 36.14 12.88
C ALA C 38 21.83 36.69 14.30
N PHE C 39 21.76 35.80 15.29
CA PHE C 39 21.77 36.21 16.69
C PHE C 39 23.01 35.66 17.39
N SER C 40 23.39 36.26 18.53
CA SER C 40 24.51 35.79 19.33
C SER C 40 24.10 34.49 20.03
N ALA C 41 25.08 33.72 20.59
CA ALA C 41 24.76 32.48 21.31
C ALA C 41 23.86 32.76 22.53
N GLU C 42 24.02 33.94 23.17
CA GLU C 42 23.21 34.40 24.31
C GLU C 42 21.76 34.65 23.90
N GLU C 43 21.56 35.34 22.75
CA GLU C 43 20.23 35.64 22.21
C GLU C 43 19.53 34.36 21.79
N ASN C 44 20.25 33.43 21.11
CA ASN C 44 19.71 32.14 20.68
C ASN C 44 19.32 31.23 21.85
N PHE C 45 20.06 31.31 22.97
CA PHE C 45 19.74 30.51 24.16
C PHE C 45 18.39 30.93 24.73
N LEU C 46 18.13 32.25 24.76
CA LEU C 46 16.89 32.84 25.22
C LEU C 46 15.74 32.53 24.27
N ILE C 47 16.01 32.54 22.94
CA ILE C 47 15.02 32.18 21.92
C ILE C 47 14.60 30.71 22.18
N LEU C 48 15.57 29.82 22.43
CA LEU C 48 15.29 28.41 22.73
C LEU C 48 14.43 28.22 23.98
N THR C 49 14.78 28.88 25.10
CA THR C 49 14.01 28.74 26.35
C THR C 49 12.57 29.28 26.19
N GLU C 50 12.37 30.39 25.45
CA GLU C 50 11.02 30.90 25.21
C GLU C 50 10.25 29.92 24.30
N MET C 51 10.90 29.40 23.24
CA MET C 51 10.28 28.44 22.32
C MET C 51 9.88 27.16 23.05
N ALA C 52 10.76 26.66 23.91
CA ALA C 52 10.56 25.44 24.66
C ALA C 52 9.48 25.60 25.72
N THR C 53 9.39 26.79 26.36
CA THR C 53 8.33 27.09 27.35
C THR C 53 6.95 27.09 26.66
N ASN C 54 6.83 27.80 25.54
CA ASN C 54 5.58 27.84 24.77
C ASN C 54 5.22 26.44 24.29
N HIS C 55 6.22 25.67 23.81
CA HIS C 55 6.02 24.32 23.33
C HIS C 55 5.42 23.42 24.41
N VAL C 56 5.97 23.43 25.65
CA VAL C 56 5.46 22.62 26.77
C VAL C 56 4.02 23.01 27.10
N GLN C 57 3.72 24.32 27.14
CA GLN C 57 2.36 24.80 27.44
C GLN C 57 1.33 24.25 26.47
N VAL C 58 1.64 24.31 25.17
CA VAL C 58 0.74 23.83 24.12
C VAL C 58 0.69 22.29 24.13
N LEU C 59 1.84 21.66 24.44
CA LEU C 59 1.92 20.20 24.54
C LEU C 59 1.02 19.66 25.64
N VAL C 60 0.94 20.35 26.80
CA VAL C 60 0.05 19.95 27.89
C VAL C 60 -1.42 20.03 27.42
N GLU C 61 -1.77 21.09 26.67
CA GLU C 61 -3.14 21.26 26.14
C GLU C 61 -3.47 20.16 25.13
N PHE C 62 -2.50 19.80 24.27
CA PHE C 62 -2.66 18.71 23.31
C PHE C 62 -2.85 17.38 24.03
N THR C 63 -2.00 17.13 25.04
CA THR C 63 -2.02 15.89 25.84
C THR C 63 -3.36 15.68 26.55
N LYS C 64 -3.90 16.74 27.18
CA LYS C 64 -5.19 16.72 27.88
C LYS C 64 -6.37 16.32 26.95
N LYS C 65 -6.23 16.59 25.64
CA LYS C 65 -7.26 16.28 24.64
C LYS C 65 -7.14 14.87 24.09
N LEU C 66 -6.01 14.17 24.34
CA LEU C 66 -5.84 12.81 23.86
C LEU C 66 -6.89 11.92 24.51
N PRO C 67 -7.68 11.17 23.71
CA PRO C 67 -8.74 10.34 24.30
C PRO C 67 -8.29 9.46 25.46
N GLY C 68 -8.99 9.58 26.58
CA GLY C 68 -8.72 8.79 27.78
C GLY C 68 -7.62 9.31 28.69
N PHE C 69 -6.80 10.27 28.22
CA PHE C 69 -5.69 10.79 29.04
C PHE C 69 -6.13 11.28 30.41
N GLN C 70 -7.26 12.00 30.49
CA GLN C 70 -7.80 12.55 31.74
C GLN C 70 -8.33 11.48 32.71
N THR C 71 -8.55 10.22 32.23
CA THR C 71 -9.02 9.09 33.05
C THR C 71 -7.84 8.38 33.73
N LEU C 72 -6.60 8.69 33.31
CA LEU C 72 -5.41 8.08 33.89
C LEU C 72 -5.12 8.61 35.27
N ASP C 73 -4.38 7.83 36.06
CA ASP C 73 -3.88 8.17 37.39
C ASP C 73 -3.10 9.49 37.27
N HIS C 74 -3.34 10.43 38.20
CA HIS C 74 -2.72 11.77 38.21
C HIS C 74 -1.21 11.74 38.26
N GLU C 75 -0.62 10.79 39.01
CA GLU C 75 0.84 10.68 39.06
C GLU C 75 1.37 10.12 37.73
N ASP C 76 0.60 9.24 37.08
CA ASP C 76 0.99 8.68 35.78
C ASP C 76 0.91 9.76 34.70
N GLN C 77 -0.10 10.66 34.80
CA GLN C 77 -0.27 11.79 33.87
C GLN C 77 0.99 12.67 33.88
N ILE C 78 1.50 13.00 35.08
CA ILE C 78 2.73 13.80 35.26
C ILE C 78 3.92 13.07 34.64
N ALA C 79 4.07 11.77 34.98
CA ALA C 79 5.17 10.94 34.46
C ALA C 79 5.18 10.88 32.92
N LEU C 80 4.01 10.79 32.28
CA LEU C 80 3.91 10.76 30.82
C LEU C 80 4.31 12.12 30.22
N LEU C 81 3.83 13.22 30.80
CA LEU C 81 4.18 14.55 30.31
C LEU C 81 5.68 14.81 30.47
N LYS C 82 6.22 14.52 31.66
CA LYS C 82 7.63 14.68 31.98
C LYS C 82 8.49 13.79 31.09
N GLY C 83 8.03 12.57 30.84
CA GLY C 83 8.77 11.61 30.04
C GLY C 83 8.79 11.89 28.55
N SER C 84 7.84 12.72 28.06
CA SER C 84 7.74 12.97 26.62
C SER C 84 8.07 14.36 26.12
N ALA C 85 8.08 15.38 27.00
CA ALA C 85 8.28 16.77 26.59
C ALA C 85 9.50 17.03 25.72
N VAL C 86 10.68 16.52 26.10
CA VAL C 86 11.94 16.67 25.36
C VAL C 86 11.86 16.01 23.98
N GLU C 87 11.37 14.77 23.91
CA GLU C 87 11.21 14.03 22.67
C GLU C 87 10.26 14.74 21.70
N ALA C 88 9.11 15.23 22.23
CA ALA C 88 8.13 15.98 21.45
C ALA C 88 8.77 17.23 20.88
N MET C 89 9.62 17.94 21.66
CA MET C 89 10.33 19.13 21.16
C MET C 89 11.25 18.81 19.98
N PHE C 90 12.02 17.71 20.07
CA PHE C 90 12.91 17.30 18.98
C PHE C 90 12.12 16.83 17.78
N LEU C 91 10.99 16.14 18.01
CA LEU C 91 10.14 15.71 16.91
C LEU C 91 9.52 16.92 16.20
N ARG C 92 9.07 17.93 16.97
CA ARG C 92 8.51 19.15 16.39
C ARG C 92 9.58 19.93 15.64
N SER C 93 10.82 19.96 16.18
CA SER C 93 11.95 20.64 15.52
C SER C 93 12.26 19.96 14.18
N ALA C 94 12.18 18.60 14.13
CA ALA C 94 12.38 17.81 12.91
C ALA C 94 11.32 18.15 11.87
N GLU C 95 10.05 18.26 12.32
CA GLU C 95 8.95 18.61 11.44
C GLU C 95 9.19 19.98 10.81
N ILE C 96 9.54 20.97 11.66
CA ILE C 96 9.82 22.34 11.23
C ILE C 96 10.97 22.36 10.24
N PHE C 97 12.08 21.66 10.56
CA PHE C 97 13.23 21.64 9.67
C PHE C 97 12.91 21.07 8.28
N ASN C 98 11.98 20.12 8.21
CA ASN C 98 11.64 19.43 6.97
C ASN C 98 10.55 20.11 6.13
N LYS C 99 9.99 21.23 6.60
CA LYS C 99 9.02 22.01 5.81
C LYS C 99 9.75 22.65 4.62
N LYS C 100 9.21 22.50 3.39
CA LYS C 100 9.86 23.03 2.19
C LYS C 100 9.89 24.55 2.23
N LEU C 101 11.06 25.13 1.93
CA LEU C 101 11.28 26.57 1.90
C LEU C 101 11.85 26.99 0.53
N PRO C 102 11.84 28.29 0.17
CA PRO C 102 12.46 28.69 -1.12
C PRO C 102 13.93 28.26 -1.21
N SER C 103 14.44 28.06 -2.43
CA SER C 103 15.81 27.61 -2.71
C SER C 103 16.86 28.35 -1.85
N GLY C 104 17.71 27.57 -1.18
CA GLY C 104 18.78 28.09 -0.33
C GLY C 104 18.44 28.38 1.12
N HIS C 105 17.13 28.56 1.44
CA HIS C 105 16.65 28.89 2.79
C HIS C 105 16.93 27.81 3.83
N SER C 106 16.72 26.52 3.49
CA SER C 106 16.96 25.42 4.43
C SER C 106 18.45 25.30 4.76
N ASP C 107 19.33 25.59 3.79
CA ASP C 107 20.78 25.60 3.99
C ASP C 107 21.18 26.73 4.94
N LEU C 108 20.57 27.92 4.79
CA LEU C 108 20.88 29.04 5.67
C LEU C 108 20.36 28.75 7.08
N LEU C 109 19.15 28.16 7.18
CA LEU C 109 18.51 27.78 8.43
C LEU C 109 19.39 26.79 9.18
N GLU C 110 19.91 25.77 8.47
CA GLU C 110 20.79 24.74 9.04
C GLU C 110 22.08 25.38 9.55
N ALA C 111 22.73 26.23 8.72
CA ALA C 111 23.97 26.90 9.10
C ALA C 111 23.79 27.79 10.33
N ARG C 112 22.68 28.56 10.38
CA ARG C 112 22.34 29.43 11.52
C ARG C 112 22.17 28.61 12.82
N ILE C 113 21.43 27.49 12.77
CA ILE C 113 21.22 26.58 13.91
C ILE C 113 22.56 25.96 14.35
N ARG C 114 23.40 25.51 13.41
CA ARG C 114 24.71 24.94 13.75
C ARG C 114 25.60 25.94 14.50
N ASN C 115 25.42 27.25 14.24
CA ASN C 115 26.21 28.30 14.91
C ASN C 115 25.42 29.03 16.01
N SER C 116 24.35 28.38 16.54
CA SER C 116 23.49 28.97 17.56
C SER C 116 24.06 29.00 18.99
N GLY C 117 25.09 28.21 19.25
CA GLY C 117 25.72 28.13 20.56
C GLY C 117 25.83 26.71 21.09
N ILE C 118 25.04 25.79 20.51
CA ILE C 118 25.02 24.37 20.81
C ILE C 118 26.36 23.76 20.35
N SER C 119 26.90 22.77 21.10
CA SER C 119 28.15 22.08 20.77
C SER C 119 27.97 21.21 19.51
N ASP C 120 29.01 21.10 18.66
CA ASP C 120 28.98 20.31 17.42
C ASP C 120 28.60 18.85 17.65
N GLU C 121 29.07 18.26 18.76
CA GLU C 121 28.79 16.85 19.12
C GLU C 121 27.31 16.54 19.31
N TYR C 122 26.47 17.58 19.51
CA TYR C 122 25.03 17.41 19.68
C TYR C 122 24.24 17.83 18.44
N ILE C 123 24.64 18.93 17.78
CA ILE C 123 23.89 19.44 16.64
C ILE C 123 24.04 18.57 15.39
N THR C 124 25.21 17.92 15.18
CA THR C 124 25.41 17.04 14.01
C THR C 124 24.44 15.84 14.08
N PRO C 125 24.36 15.05 15.19
CA PRO C 125 23.36 13.96 15.24
C PRO C 125 21.92 14.46 15.11
N MET C 126 21.62 15.65 15.63
CA MET C 126 20.27 16.21 15.49
C MET C 126 19.98 16.42 14.02
N PHE C 127 20.98 16.88 13.26
CA PHE C 127 20.73 17.11 11.84
C PHE C 127 20.64 15.80 11.03
N SER C 128 21.38 14.73 11.42
CA SER C 128 21.25 13.47 10.70
CA SER C 128 21.27 13.45 10.74
C SER C 128 19.88 12.86 10.99
N PHE C 129 19.33 13.09 12.21
CA PHE C 129 17.98 12.62 12.56
C PHE C 129 16.94 13.44 11.78
N TYR C 130 17.10 14.78 11.76
CA TYR C 130 16.19 15.66 11.01
C TYR C 130 16.15 15.25 9.53
N LYS C 131 17.32 14.99 8.92
CA LYS C 131 17.36 14.63 7.49
C LYS C 131 16.81 13.23 7.21
N SER C 132 17.07 12.25 8.09
CA SER C 132 16.56 10.88 7.90
C SER C 132 15.04 10.84 7.96
N ILE C 133 14.43 11.43 9.01
CA ILE C 133 12.98 11.50 9.22
C ILE C 133 12.29 12.33 8.11
N GLY C 134 13.08 13.20 7.47
CA GLY C 134 12.65 14.04 6.36
C GLY C 134 12.51 13.24 5.09
N GLU C 135 13.46 12.30 4.85
CA GLU C 135 13.46 11.41 3.70
C GLU C 135 12.23 10.44 3.73
N LEU C 136 11.58 10.30 4.91
CA LEU C 136 10.35 9.52 5.12
C LEU C 136 9.14 10.26 4.54
N LYS C 137 9.30 11.59 4.24
CA LYS C 137 8.26 12.45 3.67
C LYS C 137 6.95 12.33 4.46
N MET C 138 7.06 12.43 5.81
CA MET C 138 5.90 12.32 6.69
C MET C 138 4.91 13.44 6.44
N THR C 139 3.62 13.12 6.59
CA THR C 139 2.53 14.09 6.44
C THR C 139 2.31 14.70 7.83
N GLN C 140 1.61 15.83 7.91
CA GLN C 140 1.31 16.48 9.18
C GLN C 140 0.55 15.51 10.11
N GLU C 141 -0.34 14.68 9.53
CA GLU C 141 -1.13 13.69 10.26
C GLU C 141 -0.23 12.64 10.91
N GLU C 142 0.83 12.25 10.21
CA GLU C 142 1.82 11.29 10.71
C GLU C 142 2.62 11.88 11.88
N TYR C 143 3.00 13.16 11.76
CA TYR C 143 3.72 13.84 12.84
C TYR C 143 2.82 13.95 14.08
N ALA C 144 1.53 14.32 13.88
CA ALA C 144 0.57 14.49 14.98
C ALA C 144 0.33 13.18 15.72
N LEU C 145 0.08 12.09 14.96
CA LEU C 145 -0.12 10.78 15.59
C LEU C 145 1.15 10.27 16.26
N LEU C 146 2.32 10.45 15.62
CA LEU C 146 3.58 10.01 16.23
C LEU C 146 3.86 10.76 17.53
N THR C 147 3.48 12.06 17.60
CA THR C 147 3.61 12.89 18.82
C THR C 147 2.70 12.31 19.90
N ALA C 148 1.43 12.00 19.54
CA ALA C 148 0.49 11.38 20.49
C ALA C 148 1.02 10.03 21.00
N ILE C 149 1.62 9.22 20.11
CA ILE C 149 2.20 7.91 20.45
C ILE C 149 3.42 8.09 21.40
N VAL C 150 4.26 9.11 21.17
CA VAL C 150 5.42 9.44 22.03
C VAL C 150 4.91 9.75 23.46
N ILE C 151 3.87 10.59 23.56
CA ILE C 151 3.28 11.00 24.84
C ILE C 151 2.68 9.80 25.58
N LEU C 152 1.92 8.98 24.86
CA LEU C 152 1.26 7.82 25.49
C LEU C 152 2.15 6.56 25.46
N SER C 153 3.43 6.70 25.84
CA SER C 153 4.38 5.58 25.87
C SER C 153 4.23 4.83 27.18
N PRO C 154 3.79 3.56 27.14
CA PRO C 154 3.59 2.80 28.39
C PRO C 154 4.89 2.46 29.12
N ASP C 155 6.02 2.50 28.40
CA ASP C 155 7.35 2.14 28.90
C ASP C 155 8.08 3.25 29.68
N ARG C 156 7.42 4.39 29.97
CA ARG C 156 8.08 5.49 30.72
C ARG C 156 8.41 5.10 32.14
N GLN C 157 9.48 5.68 32.69
CA GLN C 157 9.91 5.45 34.06
C GLN C 157 8.87 6.05 35.01
N TYR C 158 8.58 5.30 36.09
CA TYR C 158 7.68 5.60 37.20
C TYR C 158 6.19 5.39 36.87
N ILE C 159 5.86 4.91 35.65
CA ILE C 159 4.47 4.61 35.29
C ILE C 159 4.00 3.43 36.12
N LYS C 160 2.97 3.68 36.95
CA LYS C 160 2.39 2.69 37.85
C LYS C 160 1.51 1.69 37.13
N ASP C 161 0.65 2.17 36.23
CA ASP C 161 -0.28 1.32 35.48
C ASP C 161 0.03 1.41 33.98
N ARG C 162 0.93 0.53 33.52
CA ARG C 162 1.41 0.43 32.14
C ARG C 162 0.26 0.03 31.18
N GLU C 163 -0.56 -0.94 31.61
CA GLU C 163 -1.67 -1.45 30.79
C GLU C 163 -2.70 -0.39 30.43
N ALA C 164 -3.00 0.54 31.38
CA ALA C 164 -3.95 1.63 31.13
C ALA C 164 -3.41 2.55 30.02
N VAL C 165 -2.09 2.79 30.02
CA VAL C 165 -1.44 3.63 29.00
C VAL C 165 -1.45 2.89 27.64
N GLU C 166 -1.13 1.58 27.64
CA GLU C 166 -1.15 0.72 26.45
C GLU C 166 -2.50 0.82 25.73
N LYS C 167 -3.61 0.70 26.49
CA LYS C 167 -4.98 0.76 25.97
C LYS C 167 -5.28 2.08 25.25
N LEU C 168 -4.62 3.17 25.66
CA LEU C 168 -4.81 4.48 25.02
C LEU C 168 -3.93 4.68 23.80
N GLN C 169 -2.72 4.10 23.83
CA GLN C 169 -1.76 4.20 22.73
C GLN C 169 -2.14 3.32 21.54
N GLU C 170 -2.65 2.09 21.81
CA GLU C 170 -3.01 1.09 20.79
C GLU C 170 -3.95 1.65 19.69
N PRO C 171 -5.07 2.36 19.96
CA PRO C 171 -5.88 2.90 18.85
C PRO C 171 -5.15 3.94 17.99
N LEU C 172 -4.20 4.69 18.58
CA LEU C 172 -3.44 5.68 17.82
C LEU C 172 -2.41 4.99 16.91
N LEU C 173 -1.83 3.88 17.38
CA LEU C 173 -0.90 3.07 16.59
C LEU C 173 -1.61 2.46 15.39
N ASP C 174 -2.87 2.01 15.59
CA ASP C 174 -3.70 1.43 14.53
C ASP C 174 -3.96 2.46 13.44
N VAL C 175 -4.33 3.70 13.83
CA VAL C 175 -4.59 4.81 12.90
C VAL C 175 -3.31 5.16 12.13
N LEU C 176 -2.19 5.29 12.85
CA LEU C 176 -0.91 5.61 12.22
C LEU C 176 -0.48 4.54 11.22
N GLN C 177 -0.66 3.26 11.56
CA GLN C 177 -0.33 2.13 10.69
C GLN C 177 -1.13 2.22 9.37
N LYS C 178 -2.45 2.52 9.46
CA LYS C 178 -3.30 2.66 8.28
C LYS C 178 -2.81 3.83 7.40
N LEU C 179 -2.48 4.98 8.02
CA LEU C 179 -1.97 6.16 7.32
C LEU C 179 -0.69 5.86 6.58
N CYS C 180 0.21 5.08 7.21
CA CYS C 180 1.47 4.66 6.61
C CYS C 180 1.24 3.84 5.35
N LYS C 181 0.26 2.92 5.40
CA LYS C 181 -0.12 2.03 4.29
C LYS C 181 -0.78 2.80 3.14
N ILE C 182 -1.48 3.90 3.46
CA ILE C 182 -2.17 4.77 2.50
C ILE C 182 -1.19 5.75 1.82
N HIS C 183 -0.42 6.52 2.64
CA HIS C 183 0.52 7.52 2.13
C HIS C 183 1.74 6.93 1.42
N GLN C 184 2.16 5.70 1.79
CA GLN C 184 3.28 5.01 1.17
C GLN C 184 3.00 3.53 0.93
N PRO C 185 2.15 3.16 -0.06
CA PRO C 185 1.87 1.72 -0.28
C PRO C 185 3.07 0.95 -0.84
N GLU C 186 3.95 1.65 -1.61
CA GLU C 186 5.16 1.10 -2.21
C GLU C 186 6.24 0.77 -1.16
N ASN C 187 6.17 1.40 0.03
CA ASN C 187 7.12 1.20 1.12
C ASN C 187 6.45 0.54 2.35
N PRO C 188 6.44 -0.81 2.42
CA PRO C 188 5.80 -1.48 3.57
C PRO C 188 6.63 -1.42 4.87
N GLN C 189 7.81 -0.79 4.82
CA GLN C 189 8.70 -0.62 5.96
C GLN C 189 8.43 0.72 6.65
N HIS C 190 7.58 1.58 6.03
CA HIS C 190 7.30 2.92 6.54
C HIS C 190 6.85 2.95 8.00
N PHE C 191 5.86 2.09 8.37
CA PHE C 191 5.40 2.09 9.77
C PHE C 191 6.51 1.71 10.75
N ALA C 192 7.30 0.65 10.44
CA ALA C 192 8.44 0.23 11.26
C ALA C 192 9.47 1.36 11.42
N CYS C 193 9.75 2.11 10.34
CA CYS C 193 10.68 3.25 10.42
C CYS C 193 10.24 4.28 11.42
N LEU C 194 8.92 4.60 11.46
CA LEU C 194 8.34 5.56 12.40
C LEU C 194 8.49 5.05 13.83
N LEU C 195 8.19 3.77 14.06
CA LEU C 195 8.37 3.21 15.40
C LEU C 195 9.83 3.30 15.84
N GLY C 196 10.75 3.10 14.90
CA GLY C 196 12.18 3.18 15.14
C GLY C 196 12.62 4.55 15.58
N ARG C 197 11.89 5.61 15.12
CA ARG C 197 12.13 7.02 15.48
C ARG C 197 11.97 7.25 16.97
N LEU C 198 11.06 6.50 17.62
CA LEU C 198 10.83 6.59 19.07
C LEU C 198 12.11 6.30 19.87
N THR C 199 12.95 5.33 19.42
CA THR C 199 14.21 5.00 20.08
C THR C 199 15.21 6.10 19.85
N GLU C 200 15.28 6.63 18.60
CA GLU C 200 16.19 7.72 18.27
C GLU C 200 15.85 8.91 19.13
N LEU C 201 14.54 9.24 19.28
CA LEU C 201 14.12 10.35 20.13
C LEU C 201 14.54 10.14 21.59
N ARG C 202 14.48 8.89 22.14
CA ARG C 202 14.90 8.65 23.53
C ARG C 202 16.37 8.98 23.74
N THR C 203 17.20 8.77 22.71
CA THR C 203 18.64 9.05 22.74
C THR C 203 18.87 10.55 22.96
N PHE C 204 18.15 11.38 22.20
CA PHE C 204 18.21 12.83 22.31
C PHE C 204 17.83 13.27 23.71
N ASN C 205 16.82 12.61 24.31
CA ASN C 205 16.36 12.85 25.66
C ASN C 205 17.45 12.53 26.70
N HIS C 206 18.21 11.43 26.51
CA HIS C 206 19.28 11.05 27.46
C HIS C 206 20.43 12.08 27.60
N HIS C 207 20.71 12.84 26.53
CA HIS C 207 21.77 13.84 26.53
C HIS C 207 21.25 15.29 26.52
N HIS C 208 19.97 15.52 26.94
N HIS C 208 19.99 15.51 26.94
CA HIS C 208 19.37 16.86 26.90
CA HIS C 208 19.38 16.84 26.92
C HIS C 208 19.98 17.85 27.91
C HIS C 208 20.01 17.83 27.89
N ALA C 209 20.16 17.46 29.18
CA ALA C 209 20.71 18.34 30.23
C ALA C 209 22.14 18.81 29.85
N GLU C 210 22.97 17.89 29.29
CA GLU C 210 24.34 18.14 28.84
C GLU C 210 24.35 19.09 27.64
N MET C 211 23.44 18.85 26.67
CA MET C 211 23.22 19.61 25.45
C MET C 211 22.96 21.10 25.78
N LEU C 212 22.11 21.35 26.79
CA LEU C 212 21.74 22.71 27.22
C LEU C 212 22.81 23.36 28.06
N MET C 213 23.41 22.61 29.01
CA MET C 213 24.43 23.16 29.90
C MET C 213 25.75 23.47 29.16
N SER C 214 26.00 22.79 28.01
CA SER C 214 27.19 23.03 27.20
C SER C 214 26.97 24.10 26.11
N TRP C 215 25.81 24.81 26.15
CA TRP C 215 25.51 25.92 25.23
C TRP C 215 26.56 27.00 25.52
N ARG C 216 27.15 27.60 24.47
CA ARG C 216 28.22 28.60 24.61
C ARG C 216 27.75 29.95 25.15
N VAL C 217 27.29 29.96 26.42
CA VAL C 217 26.81 31.12 27.18
C VAL C 217 27.37 31.06 28.60
N ASN C 218 27.51 32.22 29.26
CA ASN C 218 28.05 32.31 30.62
C ASN C 218 27.03 31.85 31.67
N ASP C 219 25.75 32.22 31.46
CA ASP C 219 24.64 31.90 32.36
CA ASP C 219 24.63 31.92 32.35
C ASP C 219 23.59 31.11 31.61
N HIS C 220 23.17 29.98 32.20
CA HIS C 220 22.15 29.12 31.62
C HIS C 220 20.90 29.29 32.47
N LYS C 221 20.13 30.35 32.18
CA LYS C 221 18.89 30.67 32.89
C LYS C 221 17.72 29.96 32.23
N PHE C 222 16.94 29.22 33.05
CA PHE C 222 15.75 28.48 32.62
C PHE C 222 14.52 29.00 33.38
N THR C 223 13.33 28.83 32.81
CA THR C 223 12.09 29.27 33.45
C THR C 223 11.67 28.21 34.49
N PRO C 224 10.89 28.55 35.55
CA PRO C 224 10.44 27.50 36.50
C PRO C 224 9.75 26.31 35.84
N LEU C 225 8.92 26.54 34.79
CA LEU C 225 8.26 25.44 34.07
C LEU C 225 9.28 24.53 33.36
N LEU C 226 10.30 25.10 32.69
CA LEU C 226 11.33 24.29 32.03
C LEU C 226 12.14 23.49 33.03
N CYS C 227 12.35 24.02 34.25
CA CYS C 227 13.06 23.33 35.33
C CYS C 227 12.33 22.07 35.76
N GLU C 228 10.99 22.08 35.68
CA GLU C 228 10.15 20.93 36.00
C GLU C 228 10.27 19.82 34.95
N ILE C 229 10.29 20.15 33.63
CA ILE C 229 10.34 19.13 32.56
C ILE C 229 11.78 18.76 32.09
N TRP C 230 12.75 19.68 32.25
CA TRP C 230 14.13 19.41 31.88
C TRP C 230 14.91 19.15 33.16
N ASP C 231 15.95 18.32 33.08
CA ASP C 231 16.72 18.04 34.30
C ASP C 231 17.81 19.11 34.48
N VAL C 232 17.35 20.35 34.80
CA VAL C 232 18.19 21.54 34.97
C VAL C 232 17.84 22.36 36.23
N GLN C 233 18.85 23.12 36.74
CA GLN C 233 18.81 23.98 37.93
C GLN C 233 18.46 23.21 39.20
N HIS D 3 6.45 19.38 40.85
CA HIS D 3 5.75 19.56 39.57
C HIS D 3 4.43 20.29 39.75
N GLN D 4 4.47 21.39 40.54
CA GLN D 4 3.31 22.23 40.86
C GLN D 4 2.72 22.92 39.63
N LEU D 5 3.56 23.42 38.71
CA LEU D 5 3.09 24.10 37.49
C LEU D 5 2.50 23.11 36.49
N LEU D 6 3.08 21.92 36.36
CA LEU D 6 2.58 20.87 35.47
C LEU D 6 1.21 20.41 35.97
N ARG D 7 1.09 20.18 37.28
CA ARG D 7 -0.17 19.77 37.93
C ARG D 7 -1.23 20.86 37.71
N TYR D 8 -0.83 22.14 37.74
CA TYR D 8 -1.75 23.25 37.47
C TYR D 8 -2.24 23.21 36.01
N LEU D 9 -1.31 23.11 35.03
CA LEU D 9 -1.64 23.06 33.61
C LEU D 9 -2.52 21.85 33.26
N LEU D 10 -2.32 20.72 33.97
CA LEU D 10 -3.10 19.52 33.77
C LEU D 10 -4.51 19.63 34.34
N ASP D 11 -4.66 20.27 35.51
CA ASP D 11 -5.94 20.38 36.23
C ASP D 11 -6.80 21.60 35.88
N LYS D 12 -6.25 22.62 35.18
CA LYS D 12 -7.02 23.81 34.78
C LYS D 12 -8.06 23.47 33.69
N ASP D 13 -9.10 24.36 33.55
CA ASP D 13 -10.24 24.27 32.62
C ASP D 13 -11.29 23.22 33.03
N1 9LS E . -5.00 -7.47 -13.65
N3 9LS E . -4.59 -9.34 -12.46
C4 9LS E . -3.68 -7.76 -13.86
C5 9LS E . -3.42 -8.92 -13.11
C6 9LS E . -5.92 -6.47 -15.74
C7 9LS E . -5.80 -6.32 -14.21
C8 9LS E . -2.70 -7.11 -14.60
C10 9LS E . -2.14 -9.46 -13.12
C13 9LS E . -1.16 -8.81 -13.88
C17 9LS E . -5.30 -4.95 -13.73
C22 9LS E . -9.60 -8.56 -11.64
C24 9LS E . -8.70 -7.91 -10.82
C28 9LS E . -5.13 -9.17 -19.46
F23 9LS E . -3.84 -8.69 -17.53
C16 9LS E . -5.05 -8.70 -18.17
C32 9LS E . -6.37 -9.18 -20.09
C31 9LS E . -7.50 -8.72 -19.42
C27 9LS E . -7.40 -8.25 -18.12
C14 9LS E . -6.16 -8.23 -17.47
N9 9LS E . -6.03 -7.76 -16.15
O15 9LS E . -5.90 -5.51 -16.50
C29 9LS E . -6.36 -3.85 -13.96
C33 9LS E . -5.89 -2.47 -13.44
C35 9LS E . -5.52 -2.53 -11.96
C34 9LS E . -4.45 -3.61 -11.70
C30 9LS E . -4.91 -4.99 -12.24
C2 9LS E . -5.51 -8.44 -12.81
F21 9LS E . 0.08 -9.30 -13.92
C11 9LS E . -1.45 -7.66 -14.59
F20 9LS E . -0.47 -7.07 -15.31
C12 9LS E . -6.92 -8.47 -12.37
C18 9LS E . -7.85 -9.11 -13.18
C25 9LS E . -9.20 -9.16 -12.82
CL26 9LS E . -11.29 -8.62 -11.19
C19 9LS E . -7.35 -7.87 -11.20
N1 9LS F . 15.62 24.44 17.02
N3 9LS F . 16.20 22.48 16.11
C4 9LS F . 15.15 24.48 15.72
C5 9LS F . 15.53 23.26 15.15
C6 9LS F . 13.99 25.64 18.45
C7 9LS F . 15.49 25.48 18.10
C8 9LS F . 14.47 25.46 15.01
C10 9LS F . 15.20 23.00 13.82
C13 9LS F . 14.51 23.97 13.13
C17 9LS F . 16.23 26.81 17.78
C22 9LS F . 17.85 21.97 20.92
C24 9LS F . 18.64 22.74 20.09
C28 9LS F . 9.72 24.08 18.50
F23 9LS F . 11.44 24.37 16.92
C16 9LS F . 11.06 24.24 18.22
C32 9LS F . 9.35 23.96 19.83
C31 9LS F . 10.29 24.01 20.83
C27 9LS F . 11.65 24.18 20.53
C14 9LS F . 12.05 24.30 19.20
N9 9LS F . 13.40 24.48 18.82
O15 9LS F . 13.42 26.73 18.41
C29 9LS F . 16.36 27.69 19.02
C33 9LS F . 17.08 29.02 18.73
C35 9LS F . 18.46 28.79 18.13
C34 9LS F . 18.38 27.87 16.89
C30 9LS F . 17.63 26.54 17.21
C2 9LS F . 16.24 23.22 17.20
F21 9LS F . 14.17 23.75 11.85
C11 9LS F . 14.16 25.18 13.71
F20 9LS F . 13.50 26.09 12.97
C12 9LS F . 16.85 22.80 18.47
C18 9LS F . 16.07 22.04 19.34
C25 9LS F . 16.56 21.62 20.55
CL26 9LS F . 18.47 21.44 22.46
C19 9LS F . 18.13 23.16 18.86
#